data_5VCG
#
_entry.id   5VCG
#
_cell.length_a   76.539
_cell.length_b   100.459
_cell.length_c   133.679
_cell.angle_alpha   90.00
_cell.angle_beta   90.00
_cell.angle_gamma   90.00
#
_symmetry.space_group_name_H-M   'I 2 2 2'
#
loop_
_entity.id
_entity.type
_entity.pdbx_description
1 polymer 'Cytochrome P450 3A4'
2 non-polymer 'PROTOPORPHYRIN IX CONTAINING FE'
3 non-polymer bromoergocryptine
4 non-polymer GLYCEROL
5 water water
#
_entity_poly.entity_id   1
_entity_poly.type   'polypeptide(L)'
_entity_poly.pdbx_seq_one_letter_code
;MAYLYGTHSHGLFKKLGIPGPTPLPFLGNILSYHKGFAMFDMEMHKKYGKVWGFYDGQQPVLAITDPDMIKTVLVKEAYS
VFTNRRPFGPVGFMKSAISIAEDEEWKRLRSLLSPTFTSGKLKEMVPIIAQYGDVLVRNLRREAETGKPVTLKDVFGAYS
MDVITSTSFGVNIDSLNNPQDPFVENTKKLLRFDFLDPFFLSITVFPFLIPILEVLNITVFPREVTNFLRKSVKRMKESR
LEDTQKHRVDFLQLMIDSQNSKETESHKALSDLELVAQSIIFIFAGYETTSSVLSFIMYELATHPDVQQKLQEEIDAVLP
NKAPPTYDTVLQMEYLDMVVNETLRLFPIAMRLERVAKKDVEINGMFIPKGVVVMIPSYALHRDPKYWTEPEKFLPERFS
KKNKDNIDPYIYTPFGSGPRNCIGMRFALMNMKLALIRVLQNFSFKPSKETQIPLKLSLGGLLQPEKPVVLKVESRDGTV
SGAHHHH
;
_entity_poly.pdbx_strand_id   A
#
loop_
_chem_comp.id
_chem_comp.type
_chem_comp.name
_chem_comp.formula
08Y non-polymer bromoergocryptine 'C32 H40 Br N5 O5'
GOL non-polymer GLYCEROL 'C3 H8 O3'
HEM non-polymer 'PROTOPORPHYRIN IX CONTAINING FE' 'C34 H32 Fe N4 O4'
#
# COMPACT_ATOMS: atom_id res chain seq x y z
N HIS A 8 29.18 -16.09 -8.97
CA HIS A 8 29.95 -16.57 -7.78
C HIS A 8 29.09 -16.46 -6.52
N SER A 9 28.25 -15.43 -6.49
CA SER A 9 27.26 -15.24 -5.44
C SER A 9 26.15 -16.29 -5.54
N HIS A 10 26.15 -17.03 -6.66
CA HIS A 10 25.15 -18.06 -6.93
C HIS A 10 25.39 -19.39 -6.22
N GLY A 11 26.43 -19.44 -5.39
CA GLY A 11 26.68 -20.63 -4.61
C GLY A 11 26.43 -20.35 -3.14
N LEU A 12 25.94 -19.15 -2.85
CA LEU A 12 25.67 -18.78 -1.47
C LEU A 12 24.71 -19.73 -0.79
N PHE A 13 23.52 -19.92 -1.36
CA PHE A 13 22.49 -20.74 -0.71
C PHE A 13 22.85 -22.22 -0.72
N LYS A 14 23.64 -22.62 -1.72
CA LYS A 14 24.23 -23.95 -1.78
C LYS A 14 25.20 -24.15 -0.58
N LYS A 15 26.04 -23.14 -0.33
CA LYS A 15 27.05 -23.18 0.76
C LYS A 15 26.42 -23.25 2.14
N LEU A 16 25.37 -22.47 2.37
CA LEU A 16 24.69 -22.44 3.67
C LEU A 16 23.74 -23.64 3.86
N GLY A 17 23.64 -24.49 2.84
CA GLY A 17 22.73 -25.63 2.85
C GLY A 17 21.25 -25.29 2.83
N ILE A 18 20.92 -24.14 2.23
CA ILE A 18 19.53 -23.65 2.11
C ILE A 18 18.92 -24.04 0.74
N PRO A 19 17.71 -24.64 0.75
CA PRO A 19 17.11 -25.06 -0.53
C PRO A 19 16.54 -23.89 -1.34
N GLY A 20 16.21 -24.13 -2.60
CA GLY A 20 15.67 -23.09 -3.48
C GLY A 20 15.79 -23.47 -4.95
N PRO A 21 15.27 -22.60 -5.84
CA PRO A 21 15.33 -22.90 -7.25
C PRO A 21 16.74 -22.61 -7.79
N THR A 22 17.31 -23.56 -8.53
CA THR A 22 18.67 -23.41 -9.07
C THR A 22 18.75 -22.19 -9.97
N PRO A 23 19.66 -21.24 -9.67
CA PRO A 23 19.75 -20.01 -10.47
C PRO A 23 20.41 -20.26 -11.81
N LEU A 24 20.19 -19.35 -12.74
CA LEU A 24 20.81 -19.36 -14.05
C LEU A 24 21.88 -18.28 -14.06
N PRO A 25 22.99 -18.53 -14.78
CA PRO A 25 23.97 -17.46 -14.95
C PRO A 25 23.31 -16.13 -15.34
N PHE A 26 23.76 -15.06 -14.71
CA PHE A 26 23.23 -13.71 -14.95
C PHE A 26 21.81 -13.47 -14.44
N LEU A 27 20.86 -14.22 -14.99
CA LEU A 27 19.45 -14.04 -14.71
C LEU A 27 19.07 -14.38 -13.26
N GLY A 28 19.85 -15.24 -12.62
CA GLY A 28 19.51 -15.77 -11.32
C GLY A 28 18.20 -16.49 -11.47
N ASN A 29 17.21 -16.16 -10.64
CA ASN A 29 15.89 -16.84 -10.75
C ASN A 29 14.73 -16.03 -11.38
N ILE A 30 15.03 -14.91 -12.07
CA ILE A 30 13.94 -14.01 -12.48
C ILE A 30 12.94 -14.58 -13.48
N LEU A 31 13.33 -15.57 -14.27
CA LEU A 31 12.39 -16.17 -15.21
C LEU A 31 11.20 -16.81 -14.47
N SER A 32 11.41 -17.17 -13.20
CA SER A 32 10.36 -17.75 -12.38
C SER A 32 9.23 -16.75 -12.09
N TYR A 33 9.45 -15.47 -12.39
CA TYR A 33 8.41 -14.46 -12.21
C TYR A 33 7.38 -14.41 -13.35
N HIS A 34 7.40 -15.39 -14.25
CA HIS A 34 6.50 -15.40 -15.42
C HIS A 34 5.01 -15.33 -15.03
N LYS A 35 4.68 -15.85 -13.86
CA LYS A 35 3.31 -15.75 -13.31
C LYS A 35 3.10 -14.73 -12.17
N GLY A 36 4.03 -13.79 -12.00
CA GLY A 36 3.92 -12.75 -10.99
C GLY A 36 4.62 -13.14 -9.70
N PHE A 37 4.72 -12.20 -8.78
CA PHE A 37 5.32 -12.40 -7.46
C PHE A 37 4.57 -13.38 -6.55
N ALA A 38 3.24 -13.27 -6.51
CA ALA A 38 2.42 -14.03 -5.57
C ALA A 38 2.52 -15.51 -5.87
N MET A 39 2.31 -15.86 -7.13
CA MET A 39 2.36 -17.25 -7.58
C MET A 39 3.73 -17.87 -7.29
N PHE A 40 4.77 -17.11 -7.61
CA PHE A 40 6.13 -17.57 -7.44
C PHE A 40 6.33 -17.94 -5.97
N ASP A 41 5.98 -17.00 -5.09
CA ASP A 41 6.02 -17.22 -3.64
C ASP A 41 5.15 -18.41 -3.15
N MET A 42 3.98 -18.64 -3.77
CA MET A 42 3.13 -19.77 -3.40
C MET A 42 3.82 -21.08 -3.78
N GLU A 43 4.29 -21.15 -5.01
CA GLU A 43 4.91 -22.36 -5.52
C GLU A 43 6.11 -22.73 -4.66
N MET A 44 6.98 -21.75 -4.40
CA MET A 44 8.19 -22.01 -3.63
C MET A 44 7.90 -22.47 -2.20
N HIS A 45 6.98 -21.81 -1.51
CA HIS A 45 6.56 -22.24 -0.17
C HIS A 45 6.13 -23.70 -0.19
N LYS A 46 5.20 -24.02 -1.09
CA LYS A 46 4.68 -25.36 -1.25
C LYS A 46 5.81 -26.38 -1.43
N LYS A 47 6.78 -26.08 -2.29
CA LYS A 47 7.81 -27.08 -2.58
C LYS A 47 9.09 -27.03 -1.72
N TYR A 48 9.31 -25.95 -0.96
CA TYR A 48 10.50 -25.87 -0.10
C TYR A 48 10.23 -25.69 1.40
N GLY A 49 8.96 -25.56 1.77
CA GLY A 49 8.62 -25.46 3.17
C GLY A 49 8.94 -24.11 3.75
N LYS A 50 9.61 -24.09 4.89
CA LYS A 50 9.60 -22.93 5.77
C LYS A 50 10.56 -21.79 5.41
N VAL A 51 11.58 -22.11 4.61
CA VAL A 51 12.64 -21.16 4.27
C VAL A 51 13.20 -21.58 2.91
N TRP A 52 13.35 -20.64 1.98
CA TRP A 52 14.04 -20.91 0.72
C TRP A 52 14.86 -19.71 0.24
N GLY A 53 15.82 -19.98 -0.62
CA GLY A 53 16.73 -18.96 -1.12
C GLY A 53 16.63 -18.89 -2.64
N PHE A 54 16.62 -17.66 -3.15
CA PHE A 54 16.65 -17.40 -4.58
C PHE A 54 17.42 -16.11 -4.93
N TYR A 55 17.62 -15.89 -6.24
CA TYR A 55 18.46 -14.78 -6.73
C TYR A 55 17.73 -13.88 -7.72
N ASP A 56 17.59 -12.60 -7.39
CA ASP A 56 17.08 -11.60 -8.33
C ASP A 56 18.33 -11.12 -9.04
N GLY A 57 18.66 -11.73 -10.19
CA GLY A 57 19.95 -11.50 -10.85
C GLY A 57 21.06 -12.12 -10.00
N GLN A 58 21.91 -11.27 -9.42
CA GLN A 58 23.01 -11.73 -8.55
C GLN A 58 22.72 -11.42 -7.08
N GLN A 59 21.61 -10.74 -6.81
CA GLN A 59 21.18 -10.41 -5.45
C GLN A 59 20.46 -11.58 -4.75
N PRO A 60 21.04 -12.07 -3.62
CA PRO A 60 20.46 -13.19 -2.90
C PRO A 60 19.32 -12.76 -1.97
N VAL A 61 18.25 -13.53 -2.00
CA VAL A 61 17.05 -13.16 -1.27
C VAL A 61 16.65 -14.39 -0.49
N LEU A 62 16.47 -14.21 0.81
CA LEU A 62 16.10 -15.32 1.66
C LEU A 62 14.63 -15.19 2.12
N ALA A 63 13.79 -16.12 1.69
CA ALA A 63 12.40 -16.11 2.13
C ALA A 63 12.25 -16.84 3.46
N ILE A 64 11.68 -16.15 4.46
CA ILE A 64 11.33 -16.78 5.74
C ILE A 64 9.82 -16.82 5.95
N THR A 65 9.32 -17.84 6.66
CA THR A 65 7.89 -17.98 6.92
C THR A 65 7.58 -18.29 8.39
N ASP A 66 8.64 -18.42 9.18
CA ASP A 66 8.49 -18.75 10.59
C ASP A 66 8.19 -17.49 11.41
N PRO A 67 7.05 -17.48 12.11
CA PRO A 67 6.58 -16.31 12.84
C PRO A 67 7.61 -15.72 13.79
N ASP A 68 8.34 -16.58 14.52
CA ASP A 68 9.37 -16.12 15.45
C ASP A 68 10.49 -15.44 14.70
N MET A 69 11.05 -16.16 13.72
CA MET A 69 12.01 -15.60 12.79
C MET A 69 11.55 -14.23 12.26
N ILE A 70 10.32 -14.16 11.73
CA ILE A 70 9.78 -12.91 11.13
C ILE A 70 9.82 -11.75 12.14
N LYS A 71 9.45 -12.01 13.39
CA LYS A 71 9.52 -10.99 14.45
C LYS A 71 10.96 -10.54 14.77
N THR A 72 11.92 -11.44 14.62
CA THR A 72 13.33 -11.12 14.86
C THR A 72 13.78 -10.10 13.82
N VAL A 73 13.33 -10.30 12.60
CA VAL A 73 13.69 -9.42 11.51
C VAL A 73 12.92 -8.10 11.62
N LEU A 74 11.59 -8.18 11.69
CA LEU A 74 10.80 -6.96 11.55
C LEU A 74 10.78 -6.13 12.81
N VAL A 75 10.86 -6.78 13.97
CA VAL A 75 10.78 -6.07 15.23
C VAL A 75 12.13 -6.08 15.95
N LYS A 76 12.58 -7.26 16.38
CA LYS A 76 13.76 -7.35 17.26
C LYS A 76 15.02 -6.67 16.73
N GLU A 77 15.51 -7.12 15.57
CA GLU A 77 16.79 -6.66 15.03
C GLU A 77 16.67 -5.53 14.00
N ALA A 78 15.60 -4.72 14.09
CA ALA A 78 15.33 -3.69 13.07
C ALA A 78 16.43 -2.63 13.05
N TYR A 79 16.65 -2.05 14.23
CA TYR A 79 17.58 -0.94 14.39
C TYR A 79 19.04 -1.32 14.18
N SER A 80 19.37 -2.58 14.45
CA SER A 80 20.77 -2.98 14.49
C SER A 80 21.18 -3.62 13.18
N VAL A 81 20.31 -4.47 12.65
CA VAL A 81 20.64 -5.26 11.48
C VAL A 81 19.69 -4.98 10.29
N PHE A 82 18.39 -5.08 10.51
CA PHE A 82 17.41 -5.00 9.43
C PHE A 82 16.73 -3.63 9.34
N THR A 83 17.50 -2.59 9.06
CA THR A 83 17.01 -1.21 9.12
C THR A 83 16.39 -0.74 7.80
N ASN A 84 16.92 -1.26 6.69
CA ASN A 84 16.59 -0.75 5.36
C ASN A 84 15.98 -1.76 4.39
N ARG A 85 15.24 -1.24 3.42
CA ARG A 85 14.70 -2.01 2.28
C ARG A 85 15.82 -2.17 1.25
N ARG A 86 15.62 -2.98 0.21
CA ARG A 86 16.69 -3.11 -0.76
C ARG A 86 16.78 -1.77 -1.52
N PRO A 87 18.00 -1.34 -1.93
CA PRO A 87 18.07 -0.08 -2.70
C PRO A 87 17.38 -0.35 -4.02
N PHE A 88 16.69 0.63 -4.59
CA PHE A 88 15.75 0.22 -5.64
C PHE A 88 16.01 0.61 -7.10
N GLY A 89 16.93 1.52 -7.36
CA GLY A 89 17.23 1.90 -8.75
C GLY A 89 17.71 3.33 -8.87
N PRO A 90 17.59 3.93 -10.08
CA PRO A 90 18.01 5.32 -10.17
C PRO A 90 16.90 6.18 -9.57
N VAL A 91 17.27 7.06 -8.67
CA VAL A 91 16.28 7.64 -7.78
C VAL A 91 16.34 9.16 -7.62
N GLY A 92 17.52 9.74 -7.81
CA GLY A 92 17.69 11.18 -7.75
C GLY A 92 17.42 11.79 -6.39
N PHE A 93 16.84 12.98 -6.39
CA PHE A 93 16.47 13.71 -5.17
C PHE A 93 15.44 12.96 -4.29
N MET A 94 14.70 12.03 -4.89
CA MET A 94 13.74 11.21 -4.13
C MET A 94 14.44 10.21 -3.20
N LYS A 95 15.76 10.29 -3.13
CA LYS A 95 16.55 9.40 -2.26
C LYS A 95 16.26 9.75 -0.81
N SER A 96 15.82 11.00 -0.60
CA SER A 96 15.54 11.51 0.73
C SER A 96 14.08 11.28 1.16
N ALA A 97 13.32 10.55 0.36
CA ALA A 97 11.96 10.19 0.72
C ALA A 97 12.06 9.11 1.80
N ILE A 98 11.23 9.28 2.82
CA ILE A 98 11.24 8.41 3.99
C ILE A 98 11.32 6.91 3.64
N SER A 99 10.48 6.47 2.71
CA SER A 99 10.39 5.05 2.40
C SER A 99 11.64 4.49 1.70
N ILE A 100 12.45 5.40 1.12
CA ILE A 100 13.70 5.06 0.40
C ILE A 100 14.94 5.37 1.26
N ALA A 101 14.77 6.21 2.27
CA ALA A 101 15.91 6.64 3.12
C ALA A 101 16.50 5.47 3.90
N GLU A 102 17.76 5.63 4.29
CA GLU A 102 18.45 4.56 5.02
C GLU A 102 19.07 5.02 6.34
N ASP A 103 19.29 4.04 7.22
CA ASP A 103 19.99 4.18 8.51
C ASP A 103 19.58 5.42 9.28
N GLU A 104 20.55 6.31 9.51
CA GLU A 104 20.32 7.53 10.29
C GLU A 104 19.46 8.58 9.58
N GLU A 105 19.56 8.67 8.25
CA GLU A 105 18.63 9.52 7.47
C GLU A 105 17.19 9.12 7.71
N TRP A 106 16.90 7.82 7.60
CA TRP A 106 15.56 7.31 7.82
C TRP A 106 15.05 7.62 9.23
N LYS A 107 15.86 7.26 10.23
CA LYS A 107 15.46 7.39 11.62
C LYS A 107 15.04 8.82 11.93
N ARG A 108 15.78 9.77 11.36
CA ARG A 108 15.50 11.19 11.52
C ARG A 108 14.19 11.62 10.88
N LEU A 109 13.93 11.17 9.65
CA LEU A 109 12.69 11.49 8.94
C LEU A 109 11.46 10.84 9.57
N ARG A 110 11.63 9.59 10.03
CA ARG A 110 10.58 8.87 10.75
C ARG A 110 10.13 9.70 11.96
N SER A 111 11.11 10.12 12.77
CA SER A 111 10.88 10.99 13.94
C SER A 111 10.13 12.26 13.60
N LEU A 112 10.61 12.98 12.60
CA LEU A 112 10.02 14.27 12.22
C LEU A 112 8.62 14.12 11.65
N LEU A 113 8.30 12.92 11.17
CA LEU A 113 7.02 12.68 10.51
C LEU A 113 6.00 11.88 11.32
N SER A 114 6.44 11.23 12.40
CA SER A 114 5.51 10.52 13.30
C SER A 114 4.36 11.41 13.81
N PRO A 115 4.67 12.57 14.44
CA PRO A 115 3.61 13.43 14.98
C PRO A 115 2.53 13.80 13.96
N THR A 116 2.80 13.58 12.69
CA THR A 116 1.86 13.91 11.62
C THR A 116 0.64 12.99 11.61
N PHE A 117 0.84 11.72 11.97
CA PHE A 117 -0.18 10.69 11.81
C PHE A 117 -0.82 10.24 13.12
N THR A 118 -0.81 11.14 14.11
CA THR A 118 -1.41 10.87 15.42
C THR A 118 -2.93 11.05 15.33
N SER A 119 -3.64 10.48 16.31
CA SER A 119 -5.11 10.45 16.30
C SER A 119 -5.78 11.82 16.50
N GLY A 120 -5.11 12.70 17.24
CA GLY A 120 -5.57 14.10 17.36
C GLY A 120 -5.53 14.78 16.01
N LYS A 121 -4.39 14.69 15.32
CA LYS A 121 -4.25 15.20 13.96
C LYS A 121 -5.24 14.52 13.04
N LEU A 122 -5.40 13.21 13.24
CA LEU A 122 -6.28 12.39 12.42
C LEU A 122 -7.76 12.76 12.61
N LYS A 123 -8.19 12.91 13.86
CA LYS A 123 -9.54 13.35 14.16
C LYS A 123 -9.82 14.75 13.61
N GLU A 124 -8.78 15.58 13.55
CA GLU A 124 -8.90 16.90 12.95
C GLU A 124 -9.07 16.82 11.42
N MET A 125 -8.56 15.76 10.82
CA MET A 125 -8.67 15.55 9.38
C MET A 125 -10.03 15.05 8.91
N VAL A 126 -10.84 14.57 9.85
CA VAL A 126 -12.17 13.99 9.54
C VAL A 126 -13.11 14.91 8.75
N PRO A 127 -13.35 16.15 9.21
CA PRO A 127 -14.28 16.99 8.45
C PRO A 127 -13.86 17.32 7.01
N ILE A 128 -12.56 17.32 6.72
CA ILE A 128 -12.06 17.52 5.34
C ILE A 128 -12.35 16.29 4.47
N ILE A 129 -11.96 15.12 4.95
CA ILE A 129 -12.11 13.85 4.24
C ILE A 129 -13.58 13.42 4.09
N ALA A 130 -14.44 13.94 4.97
CA ALA A 130 -15.88 13.70 4.89
C ALA A 130 -16.50 14.50 3.74
N GLN A 131 -16.11 15.76 3.61
CA GLN A 131 -16.59 16.63 2.52
C GLN A 131 -16.60 15.90 1.18
N TYR A 132 -15.68 14.95 1.05
CA TYR A 132 -15.48 14.17 -0.18
C TYR A 132 -16.13 12.80 -0.18
N GLY A 133 -16.70 12.42 0.96
CA GLY A 133 -17.61 11.30 0.99
C GLY A 133 -18.86 11.71 0.23
N ASP A 134 -19.24 12.98 0.40
CA ASP A 134 -20.40 13.58 -0.27
C ASP A 134 -20.23 13.65 -1.78
N VAL A 135 -19.12 14.25 -2.24
CA VAL A 135 -18.76 14.30 -3.66
C VAL A 135 -18.82 12.92 -4.31
N LEU A 136 -18.19 11.93 -3.67
CA LEU A 136 -18.18 10.55 -4.17
C LEU A 136 -19.60 9.99 -4.34
N VAL A 137 -20.47 10.21 -3.36
CA VAL A 137 -21.87 9.77 -3.46
C VAL A 137 -22.50 10.41 -4.69
N ARG A 138 -22.43 11.74 -4.75
CA ARG A 138 -22.96 12.55 -5.87
C ARG A 138 -22.57 12.03 -7.24
N ASN A 139 -21.30 11.73 -7.44
CA ASN A 139 -20.80 11.17 -8.70
C ASN A 139 -21.35 9.78 -8.94
N LEU A 140 -21.35 8.96 -7.89
CA LEU A 140 -21.77 7.57 -7.96
C LEU A 140 -23.26 7.44 -8.32
N ARG A 141 -24.07 8.38 -7.82
CA ARG A 141 -25.51 8.38 -8.10
C ARG A 141 -25.79 8.74 -9.57
N ARG A 142 -24.99 9.68 -10.09
CA ARG A 142 -25.07 10.08 -11.50
C ARG A 142 -24.90 8.88 -12.43
N GLU A 143 -24.08 7.93 -12.00
CA GLU A 143 -23.93 6.67 -12.73
C GLU A 143 -25.05 5.68 -12.38
N ALA A 144 -25.58 5.81 -11.16
CA ALA A 144 -26.59 4.88 -10.66
C ALA A 144 -27.94 5.04 -11.32
N GLU A 145 -28.39 6.29 -11.45
CA GLU A 145 -29.69 6.57 -12.07
C GLU A 145 -29.67 6.55 -13.60
N THR A 146 -28.48 6.69 -14.20
CA THR A 146 -28.29 6.40 -15.62
C THR A 146 -28.08 4.90 -15.82
N GLY A 147 -27.65 4.23 -14.75
CA GLY A 147 -27.67 2.77 -14.67
C GLY A 147 -26.68 1.98 -15.52
N LYS A 148 -25.49 2.53 -15.73
CA LYS A 148 -24.42 1.80 -16.42
C LYS A 148 -23.36 1.27 -15.44
N PRO A 149 -23.04 -0.06 -15.49
CA PRO A 149 -22.07 -0.74 -14.62
C PRO A 149 -20.80 0.08 -14.41
N VAL A 150 -20.52 0.40 -13.15
CA VAL A 150 -19.46 1.34 -12.77
C VAL A 150 -18.08 0.69 -12.72
N THR A 151 -17.06 1.46 -13.12
CA THR A 151 -15.66 1.08 -12.93
C THR A 151 -15.13 1.71 -11.63
N LEU A 152 -14.89 0.85 -10.65
CA LEU A 152 -14.56 1.29 -9.29
C LEU A 152 -13.25 2.06 -9.16
N LYS A 153 -12.21 1.58 -9.84
CA LYS A 153 -10.90 2.24 -9.79
C LYS A 153 -11.01 3.71 -10.18
N ASP A 154 -11.81 3.99 -11.21
CA ASP A 154 -12.04 5.35 -11.67
C ASP A 154 -12.67 6.23 -10.61
N VAL A 155 -13.81 5.79 -10.07
CA VAL A 155 -14.49 6.52 -8.98
C VAL A 155 -13.74 6.51 -7.65
N PHE A 156 -13.17 5.37 -7.27
CA PHE A 156 -12.33 5.34 -6.06
C PHE A 156 -10.98 6.05 -6.25
N GLY A 157 -10.34 5.84 -7.40
CA GLY A 157 -9.16 6.62 -7.78
C GLY A 157 -9.42 8.10 -7.58
N ALA A 158 -10.44 8.61 -8.28
CA ALA A 158 -10.85 10.00 -8.11
C ALA A 158 -10.96 10.37 -6.63
N TYR A 159 -11.67 9.53 -5.85
CA TYR A 159 -11.82 9.72 -4.40
C TYR A 159 -10.49 9.75 -3.60
N SER A 160 -9.62 8.79 -3.87
CA SER A 160 -8.29 8.71 -3.26
C SER A 160 -7.53 10.04 -3.38
N MET A 161 -7.43 10.53 -4.61
CA MET A 161 -6.73 11.78 -4.91
C MET A 161 -7.34 12.97 -4.20
N ASP A 162 -8.65 13.14 -4.31
CA ASP A 162 -9.34 14.26 -3.69
C ASP A 162 -8.99 14.40 -2.22
N VAL A 163 -8.98 13.27 -1.50
CA VAL A 163 -8.67 13.26 -0.08
C VAL A 163 -7.19 13.54 0.15
N ILE A 164 -6.35 12.95 -0.68
CA ILE A 164 -4.91 13.21 -0.62
C ILE A 164 -4.58 14.70 -0.87
N THR A 165 -4.91 15.24 -2.04
CA THR A 165 -4.66 16.66 -2.32
C THR A 165 -5.09 17.51 -1.12
N SER A 166 -6.38 17.46 -0.78
CA SER A 166 -6.97 18.29 0.28
C SER A 166 -6.35 18.11 1.66
N THR A 167 -6.09 16.86 2.05
CA THR A 167 -5.50 16.54 3.35
C THR A 167 -4.02 16.91 3.41
N SER A 168 -3.36 16.90 2.25
CA SER A 168 -1.95 17.25 2.19
C SER A 168 -1.74 18.76 2.03
N PHE A 169 -2.35 19.34 0.99
CA PHE A 169 -2.04 20.71 0.57
C PHE A 169 -3.21 21.69 0.70
N GLY A 170 -4.43 21.18 0.56
CA GLY A 170 -5.64 22.01 0.56
C GLY A 170 -6.06 22.43 -0.84
N VAL A 171 -5.82 21.55 -1.82
CA VAL A 171 -6.11 21.82 -3.23
C VAL A 171 -7.45 21.19 -3.66
N ASN A 172 -8.53 21.73 -3.12
CA ASN A 172 -9.87 21.15 -3.26
C ASN A 172 -10.39 21.04 -4.70
N ILE A 173 -10.34 19.83 -5.26
CA ILE A 173 -10.70 19.59 -6.67
C ILE A 173 -11.41 18.26 -6.89
N ASP A 174 -12.56 18.32 -7.54
CA ASP A 174 -13.28 17.12 -7.98
C ASP A 174 -12.53 16.47 -9.14
N SER A 175 -11.54 15.64 -8.82
CA SER A 175 -10.64 15.06 -9.81
CA SER A 175 -10.64 15.08 -9.81
C SER A 175 -11.35 14.37 -10.97
N LEU A 176 -12.44 13.66 -10.66
CA LEU A 176 -13.19 12.91 -11.69
C LEU A 176 -13.80 13.83 -12.77
N ASN A 177 -14.50 14.87 -12.32
CA ASN A 177 -15.11 15.83 -13.23
C ASN A 177 -14.14 16.90 -13.73
N ASN A 178 -12.93 16.92 -13.15
CA ASN A 178 -11.88 17.85 -13.57
C ASN A 178 -10.66 17.13 -14.19
N PRO A 179 -10.88 16.09 -15.03
CA PRO A 179 -9.74 15.24 -15.43
C PRO A 179 -8.57 16.02 -16.00
N GLN A 180 -8.85 17.21 -16.53
CA GLN A 180 -7.85 18.05 -17.19
C GLN A 180 -7.21 19.11 -16.28
N ASP A 181 -7.59 19.13 -15.01
CA ASP A 181 -6.96 19.99 -14.01
C ASP A 181 -5.44 19.70 -13.95
N PRO A 182 -4.61 20.75 -14.04
CA PRO A 182 -3.14 20.63 -14.03
C PRO A 182 -2.57 19.86 -12.83
N PHE A 183 -3.20 20.00 -11.66
CA PHE A 183 -2.84 19.23 -10.48
C PHE A 183 -3.30 17.77 -10.59
N VAL A 184 -4.39 17.56 -11.33
CA VAL A 184 -4.93 16.22 -11.54
C VAL A 184 -4.07 15.40 -12.51
N GLU A 185 -3.63 16.03 -13.60
CA GLU A 185 -2.81 15.36 -14.60
C GLU A 185 -1.44 14.93 -14.08
N ASN A 186 -0.76 15.82 -13.34
CA ASN A 186 0.52 15.51 -12.69
C ASN A 186 0.48 14.29 -11.75
N THR A 187 -0.34 14.42 -10.71
CA THR A 187 -0.41 13.49 -9.56
C THR A 187 -0.83 12.05 -9.87
N LYS A 188 -1.74 11.92 -10.83
CA LYS A 188 -2.34 10.63 -11.19
C LYS A 188 -1.42 9.82 -12.10
N LYS A 189 -0.41 10.49 -12.65
CA LYS A 189 0.70 9.82 -13.32
C LYS A 189 1.55 9.07 -12.31
N LEU A 190 1.63 9.61 -11.10
CA LEU A 190 2.35 8.98 -9.99
C LEU A 190 1.67 7.69 -9.52
N LEU A 191 2.04 6.59 -10.15
CA LEU A 191 1.50 5.27 -9.87
C LEU A 191 2.63 4.37 -9.36
N ARG A 192 2.26 3.36 -8.57
CA ARG A 192 3.22 2.36 -8.07
C ARG A 192 4.02 1.68 -9.20
N PHE A 193 5.29 1.41 -8.91
CA PHE A 193 6.17 0.76 -9.89
C PHE A 193 5.82 -0.72 -10.11
N ASP A 194 5.76 -1.13 -11.37
CA ASP A 194 5.76 -2.54 -11.69
C ASP A 194 7.22 -2.99 -11.81
N PHE A 195 7.71 -3.65 -10.77
CA PHE A 195 9.09 -4.16 -10.76
C PHE A 195 9.28 -5.37 -11.68
N LEU A 196 8.22 -5.75 -12.40
CA LEU A 196 8.30 -6.82 -13.40
C LEU A 196 8.32 -6.30 -14.86
N ASP A 197 8.15 -5.00 -15.06
CA ASP A 197 8.23 -4.44 -16.41
C ASP A 197 9.65 -4.58 -17.00
N PRO A 198 9.83 -4.40 -18.32
CA PRO A 198 11.15 -4.59 -18.95
C PRO A 198 12.29 -3.78 -18.30
N PHE A 199 12.07 -2.48 -18.09
CA PHE A 199 13.10 -1.60 -17.52
C PHE A 199 13.58 -2.04 -16.14
N PHE A 200 12.67 -2.45 -15.28
CA PHE A 200 13.06 -2.91 -13.96
C PHE A 200 13.73 -4.29 -14.00
N LEU A 201 13.29 -5.17 -14.90
CA LEU A 201 14.05 -6.40 -15.15
C LEU A 201 15.49 -6.13 -15.63
N SER A 202 15.66 -5.16 -16.53
CA SER A 202 17.02 -4.74 -16.95
C SER A 202 17.88 -4.24 -15.80
N ILE A 203 17.26 -3.62 -14.80
CA ILE A 203 18.04 -3.03 -13.72
C ILE A 203 18.45 -4.12 -12.74
N THR A 204 17.57 -5.09 -12.56
CA THR A 204 17.86 -6.26 -11.76
C THR A 204 19.03 -7.08 -12.33
N VAL A 205 19.07 -7.26 -13.66
CA VAL A 205 20.15 -8.06 -14.29
C VAL A 205 21.45 -7.25 -14.40
N PHE A 206 21.33 -5.94 -14.62
CA PHE A 206 22.51 -5.05 -14.65
C PHE A 206 22.41 -3.95 -13.58
N PRO A 207 22.48 -4.29 -12.30
CA PRO A 207 22.42 -3.21 -11.30
C PRO A 207 23.64 -2.28 -11.39
N PHE A 208 24.74 -2.77 -11.98
CA PHE A 208 25.96 -1.98 -12.16
C PHE A 208 25.74 -0.72 -12.99
N LEU A 209 24.65 -0.68 -13.76
CA LEU A 209 24.30 0.47 -14.56
C LEU A 209 23.61 1.60 -13.77
N ILE A 210 23.12 1.30 -12.56
CA ILE A 210 22.40 2.32 -11.80
C ILE A 210 23.15 3.66 -11.64
N PRO A 211 24.44 3.62 -11.21
CA PRO A 211 25.17 4.88 -11.01
C PRO A 211 25.32 5.70 -12.29
N ILE A 212 25.47 5.01 -13.42
CA ILE A 212 25.48 5.60 -14.76
C ILE A 212 24.20 6.41 -14.99
N LEU A 213 23.05 5.79 -14.70
CA LEU A 213 21.77 6.47 -14.76
C LEU A 213 21.69 7.66 -13.80
N GLU A 214 22.17 7.49 -12.58
CA GLU A 214 22.10 8.56 -11.57
C GLU A 214 22.91 9.80 -12.00
N VAL A 215 24.04 9.57 -12.66
CA VAL A 215 24.91 10.66 -13.10
C VAL A 215 24.25 11.53 -14.18
N LEU A 216 23.35 10.92 -14.95
CA LEU A 216 22.69 11.58 -16.07
C LEU A 216 21.33 12.11 -15.65
N ASN A 217 21.09 12.12 -14.34
CA ASN A 217 19.84 12.65 -13.79
C ASN A 217 18.59 11.88 -14.23
N ILE A 218 18.77 10.65 -14.71
CA ILE A 218 17.66 9.78 -14.96
C ILE A 218 17.19 9.23 -13.60
N THR A 219 15.88 9.04 -13.48
CA THR A 219 15.18 8.70 -12.24
C THR A 219 13.84 8.06 -12.61
N VAL A 220 13.44 7.02 -11.89
CA VAL A 220 12.18 6.31 -12.16
C VAL A 220 10.91 7.12 -11.89
N PHE A 221 11.02 8.13 -11.04
CA PHE A 221 9.97 9.13 -10.87
C PHE A 221 10.08 10.13 -12.03
N PRO A 222 9.06 10.15 -12.92
CA PRO A 222 9.07 11.00 -14.11
C PRO A 222 9.40 12.45 -13.76
N ARG A 223 10.44 12.97 -14.41
CA ARG A 223 10.95 14.32 -14.15
C ARG A 223 9.90 15.40 -14.32
N GLU A 224 9.01 15.22 -15.28
CA GLU A 224 7.94 16.17 -15.56
C GLU A 224 7.08 16.35 -14.31
N VAL A 225 6.54 15.22 -13.80
CA VAL A 225 5.73 15.18 -12.58
C VAL A 225 6.43 15.83 -11.38
N THR A 226 7.63 15.35 -11.05
CA THR A 226 8.33 15.80 -9.85
C THR A 226 8.72 17.28 -9.90
N ASN A 227 8.89 17.81 -11.11
CA ASN A 227 9.19 19.24 -11.30
C ASN A 227 8.00 20.14 -11.02
N PHE A 228 6.85 19.83 -11.61
CA PHE A 228 5.64 20.63 -11.38
C PHE A 228 5.42 20.84 -9.88
N LEU A 229 5.34 19.73 -9.16
CA LEU A 229 5.13 19.74 -7.72
C LEU A 229 6.29 20.46 -7.02
N ARG A 230 7.52 20.11 -7.41
CA ARG A 230 8.73 20.71 -6.81
C ARG A 230 8.61 22.24 -6.68
N LYS A 231 8.11 22.88 -7.74
CA LYS A 231 7.94 24.33 -7.76
C LYS A 231 6.48 24.77 -7.52
N SER A 232 5.59 23.79 -7.36
CA SER A 232 4.18 24.05 -7.01
C SER A 232 4.04 24.21 -5.50
N VAL A 233 4.66 23.28 -4.76
CA VAL A 233 4.75 23.34 -3.30
C VAL A 233 5.41 24.67 -2.88
N LYS A 234 6.36 25.13 -3.69
CA LYS A 234 7.05 26.42 -3.48
C LYS A 234 6.08 27.60 -3.50
N ARG A 235 5.06 27.52 -4.35
CA ARG A 235 4.00 28.54 -4.43
C ARG A 235 3.07 28.48 -3.22
N MET A 236 2.62 27.28 -2.87
CA MET A 236 1.70 27.13 -1.73
C MET A 236 2.41 27.06 -0.38
N LYS A 237 3.60 27.65 -0.32
CA LYS A 237 4.29 27.92 0.93
C LYS A 237 4.56 29.42 0.99
N GLU A 238 5.29 29.90 -0.01
CA GLU A 238 5.81 31.27 -0.05
C GLU A 238 4.81 32.26 -0.65
N SER A 239 4.24 31.91 -1.81
CA SER A 239 3.25 32.76 -2.47
C SER A 239 1.87 32.65 -1.80
N ARG A 240 1.60 31.50 -1.17
CA ARG A 240 0.29 31.24 -0.60
C ARG A 240 0.25 31.33 0.93
N LEU A 241 0.79 30.31 1.60
CA LEU A 241 0.63 30.19 3.05
C LEU A 241 1.43 31.19 3.90
N GLU A 242 2.36 31.91 3.26
CA GLU A 242 3.04 33.00 3.94
C GLU A 242 2.10 34.17 4.25
N ASP A 243 1.60 34.17 5.48
CA ASP A 243 0.66 35.19 5.95
C ASP A 243 1.30 36.02 7.06
N HIS A 247 -2.92 29.15 9.31
CA HIS A 247 -2.85 27.87 10.01
C HIS A 247 -3.99 26.96 9.56
N ARG A 248 -3.68 26.06 8.64
CA ARG A 248 -4.65 25.11 8.11
C ARG A 248 -4.38 23.67 8.58
N VAL A 249 -5.36 22.80 8.39
CA VAL A 249 -5.26 21.39 8.81
C VAL A 249 -4.91 20.50 7.61
N ASP A 250 -3.61 20.24 7.45
CA ASP A 250 -3.11 19.37 6.37
C ASP A 250 -1.64 19.00 6.56
N PHE A 251 -1.19 17.96 5.85
CA PHE A 251 0.18 17.41 5.97
C PHE A 251 1.26 18.46 5.73
N LEU A 252 1.06 19.31 4.73
CA LEU A 252 1.99 20.39 4.39
C LEU A 252 2.27 21.32 5.56
N GLN A 253 1.19 21.77 6.22
CA GLN A 253 1.29 22.63 7.39
C GLN A 253 2.05 21.89 8.48
N LEU A 254 1.56 20.71 8.82
CA LEU A 254 2.19 19.83 9.80
C LEU A 254 3.67 19.64 9.49
N MET A 255 4.03 19.84 8.23
CA MET A 255 5.43 19.75 7.78
C MET A 255 6.12 21.12 7.72
N ILE A 256 5.35 22.18 7.48
CA ILE A 256 5.90 23.54 7.45
C ILE A 256 6.32 23.97 8.86
N ASP A 257 5.39 23.84 9.80
CA ASP A 257 5.56 24.25 11.18
C ASP A 257 6.61 23.39 11.90
N SER A 258 6.86 22.19 11.37
CA SER A 258 7.83 21.27 11.96
C SER A 258 9.27 21.69 11.72
N GLN A 259 9.52 22.39 10.61
CA GLN A 259 10.84 22.98 10.35
C GLN A 259 10.97 24.25 11.21
N ASN A 260 9.87 24.63 11.85
CA ASN A 260 9.79 25.85 12.63
C ASN A 260 9.79 25.55 14.14
N SER A 261 10.89 24.94 14.60
CA SER A 261 11.06 24.50 15.99
C SER A 261 10.75 25.59 17.02
N LYS A 268 17.58 16.86 13.72
CA LYS A 268 16.34 17.60 13.55
C LYS A 268 16.42 18.55 12.34
N ALA A 269 15.48 19.50 12.26
CA ALA A 269 15.31 20.40 11.10
C ALA A 269 14.82 19.62 9.87
N LEU A 270 14.50 20.36 8.79
CA LEU A 270 14.08 19.74 7.53
C LEU A 270 14.36 20.67 6.36
N SER A 271 15.19 20.22 5.42
CA SER A 271 15.53 20.99 4.22
C SER A 271 14.33 21.12 3.29
N ASP A 272 14.42 22.03 2.33
CA ASP A 272 13.33 22.31 1.41
C ASP A 272 13.05 21.16 0.44
N LEU A 273 14.13 20.58 -0.08
CA LEU A 273 14.04 19.48 -1.03
C LEU A 273 13.45 18.21 -0.39
N GLU A 274 13.80 17.97 0.87
CA GLU A 274 13.29 16.83 1.61
C GLU A 274 11.78 16.88 1.71
N LEU A 275 11.27 18.05 2.08
CA LEU A 275 9.84 18.26 2.35
C LEU A 275 8.97 17.87 1.16
N VAL A 276 9.41 18.25 -0.03
CA VAL A 276 8.71 17.92 -1.27
C VAL A 276 8.82 16.41 -1.56
N ALA A 277 9.97 15.83 -1.26
CA ALA A 277 10.19 14.39 -1.47
C ALA A 277 9.21 13.56 -0.64
N GLN A 278 8.84 14.08 0.53
CA GLN A 278 7.85 13.43 1.42
C GLN A 278 6.45 13.64 0.91
N SER A 279 6.12 14.87 0.51
CA SER A 279 4.84 15.16 -0.11
C SER A 279 4.57 14.22 -1.28
N ILE A 280 5.58 14.02 -2.14
CA ILE A 280 5.44 13.14 -3.29
C ILE A 280 5.17 11.69 -2.90
N ILE A 281 5.89 11.22 -1.89
CA ILE A 281 5.87 9.82 -1.50
C ILE A 281 4.57 9.49 -0.77
N PHE A 282 3.91 10.49 -0.19
CA PHE A 282 2.62 10.24 0.48
C PHE A 282 1.56 9.95 -0.57
N ILE A 283 1.69 10.58 -1.73
CA ILE A 283 0.79 10.36 -2.86
C ILE A 283 1.08 8.99 -3.51
N PHE A 284 2.32 8.81 -3.99
CA PHE A 284 2.77 7.55 -4.62
C PHE A 284 2.50 6.29 -3.76
N ALA A 285 2.68 6.44 -2.45
CA ALA A 285 2.41 5.37 -1.49
C ALA A 285 0.91 5.31 -1.22
N GLY A 286 0.28 6.48 -1.09
CA GLY A 286 -1.13 6.55 -0.70
C GLY A 286 -2.15 6.33 -1.80
N TYR A 287 -1.82 6.73 -3.04
CA TYR A 287 -2.87 6.93 -4.05
C TYR A 287 -3.47 5.65 -4.62
N GLU A 288 -2.66 4.86 -5.32
CA GLU A 288 -3.14 3.59 -5.83
C GLU A 288 -3.51 2.61 -4.70
N THR A 289 -2.81 2.68 -3.56
CA THR A 289 -3.06 1.74 -2.46
C THR A 289 -4.53 1.80 -1.97
N THR A 290 -4.95 2.95 -1.42
CA THR A 290 -6.33 3.25 -0.99
C THR A 290 -7.42 2.86 -1.99
N SER A 291 -7.15 3.05 -3.29
CA SER A 291 -8.19 2.78 -4.29
C SER A 291 -8.20 1.31 -4.75
N SER A 292 -7.04 0.68 -4.76
CA SER A 292 -7.01 -0.75 -5.05
C SER A 292 -7.75 -1.55 -3.97
N VAL A 293 -7.49 -1.20 -2.71
CA VAL A 293 -8.13 -1.89 -1.60
C VAL A 293 -9.64 -1.61 -1.58
N LEU A 294 -10.02 -0.35 -1.71
CA LEU A 294 -11.45 0.03 -1.77
C LEU A 294 -12.17 -0.67 -2.91
N SER A 295 -11.46 -0.96 -4.00
CA SER A 295 -12.04 -1.66 -5.14
C SER A 295 -12.18 -3.15 -4.90
N PHE A 296 -11.22 -3.74 -4.18
CA PHE A 296 -11.27 -5.16 -3.82
C PHE A 296 -12.40 -5.42 -2.82
N ILE A 297 -12.58 -4.51 -1.86
CA ILE A 297 -13.65 -4.61 -0.87
C ILE A 297 -15.02 -4.65 -1.57
N MET A 298 -15.30 -3.68 -2.43
CA MET A 298 -16.57 -3.70 -3.13
C MET A 298 -16.83 -5.01 -3.90
N TYR A 299 -15.79 -5.52 -4.57
CA TYR A 299 -15.90 -6.80 -5.28
C TYR A 299 -16.41 -7.90 -4.35
N GLU A 300 -15.75 -8.10 -3.22
CA GLU A 300 -16.19 -9.10 -2.25
C GLU A 300 -17.65 -8.85 -1.84
N LEU A 301 -17.98 -7.62 -1.45
CA LEU A 301 -19.37 -7.25 -1.06
C LEU A 301 -20.42 -7.56 -2.14
N ALA A 302 -20.10 -7.21 -3.39
CA ALA A 302 -20.99 -7.47 -4.52
C ALA A 302 -21.16 -8.97 -4.78
N THR A 303 -20.11 -9.75 -4.51
CA THR A 303 -20.16 -11.20 -4.71
C THR A 303 -20.63 -11.92 -3.45
N HIS A 304 -20.94 -11.14 -2.42
CA HIS A 304 -21.45 -11.71 -1.15
C HIS A 304 -22.57 -10.83 -0.53
N PRO A 305 -23.78 -10.86 -1.13
CA PRO A 305 -24.87 -9.98 -0.69
C PRO A 305 -25.16 -10.06 0.82
N ASP A 306 -25.05 -11.26 1.39
CA ASP A 306 -25.28 -11.47 2.82
C ASP A 306 -24.36 -10.59 3.67
N VAL A 307 -23.10 -10.49 3.26
CA VAL A 307 -22.12 -9.74 4.01
C VAL A 307 -22.39 -8.26 3.80
N GLN A 308 -22.75 -7.88 2.58
CA GLN A 308 -23.13 -6.50 2.27
C GLN A 308 -24.37 -6.08 3.07
N GLN A 309 -25.44 -6.88 2.97
CA GLN A 309 -26.66 -6.59 3.70
C GLN A 309 -26.30 -6.36 5.18
N LYS A 310 -25.56 -7.30 5.78
CA LYS A 310 -25.19 -7.21 7.19
C LYS A 310 -24.41 -5.94 7.52
N LEU A 311 -23.47 -5.58 6.65
CA LEU A 311 -22.67 -4.36 6.84
C LEU A 311 -23.58 -3.11 6.81
N GLN A 312 -24.49 -3.06 5.83
CA GLN A 312 -25.47 -1.98 5.73
C GLN A 312 -26.35 -1.94 6.97
N GLU A 313 -26.64 -3.10 7.53
CA GLU A 313 -27.45 -3.16 8.78
C GLU A 313 -26.68 -2.59 9.98
N GLU A 314 -25.38 -2.88 10.06
CA GLU A 314 -24.55 -2.26 11.11
C GLU A 314 -24.41 -0.75 10.91
N ILE A 315 -24.33 -0.30 9.67
CA ILE A 315 -24.20 1.14 9.39
C ILE A 315 -25.49 1.93 9.74
N ASP A 316 -26.64 1.42 9.32
CA ASP A 316 -27.89 2.09 9.67
C ASP A 316 -28.11 2.05 11.18
N ALA A 317 -27.77 0.94 11.82
CA ALA A 317 -27.91 0.81 13.28
C ALA A 317 -27.06 1.83 14.03
N VAL A 318 -25.82 2.05 13.59
CA VAL A 318 -24.92 3.00 14.24
C VAL A 318 -25.21 4.45 13.83
N LEU A 319 -25.41 4.70 12.54
CA LEU A 319 -25.71 6.04 12.02
C LEU A 319 -27.11 6.09 11.37
N PRO A 320 -28.17 6.15 12.20
CA PRO A 320 -29.55 6.00 11.76
C PRO A 320 -30.00 7.09 10.80
N ASN A 321 -30.75 6.70 9.77
CA ASN A 321 -31.26 7.60 8.74
C ASN A 321 -30.22 8.48 8.05
N LYS A 322 -29.03 7.92 7.85
CA LYS A 322 -27.95 8.54 7.06
C LYS A 322 -27.10 9.59 7.79
N ALA A 323 -27.13 9.57 9.12
CA ALA A 323 -26.25 10.42 9.93
C ALA A 323 -24.81 10.40 9.39
N PRO A 324 -24.08 11.53 9.51
CA PRO A 324 -22.70 11.54 9.01
C PRO A 324 -21.77 10.80 9.95
N PRO A 325 -20.78 10.06 9.38
CA PRO A 325 -19.81 9.37 10.21
C PRO A 325 -18.86 10.32 10.94
N THR A 326 -18.50 9.97 12.17
CA THR A 326 -17.48 10.66 12.95
C THR A 326 -16.37 9.68 13.33
N TYR A 327 -15.24 10.24 13.77
CA TYR A 327 -14.08 9.48 14.21
C TYR A 327 -14.45 8.38 15.21
N ASP A 328 -15.30 8.74 16.15
CA ASP A 328 -15.71 7.84 17.23
C ASP A 328 -16.65 6.74 16.74
N THR A 329 -17.56 7.09 15.82
CA THR A 329 -18.51 6.13 15.27
C THR A 329 -17.86 5.12 14.33
N VAL A 330 -16.87 5.56 13.54
CA VAL A 330 -16.08 4.65 12.66
C VAL A 330 -15.45 3.54 13.48
N LEU A 331 -14.68 3.91 14.51
CA LEU A 331 -14.06 2.94 15.43
C LEU A 331 -15.06 2.02 16.12
N GLN A 332 -16.33 2.40 16.09
CA GLN A 332 -17.39 1.63 16.75
C GLN A 332 -17.97 0.50 15.89
N MET A 333 -17.59 0.44 14.61
CA MET A 333 -18.21 -0.51 13.69
C MET A 333 -17.39 -1.80 13.46
N GLU A 334 -17.71 -2.81 14.26
CA GLU A 334 -16.98 -4.08 14.28
C GLU A 334 -16.97 -4.86 12.97
N TYR A 335 -18.15 -5.11 12.39
CA TYR A 335 -18.28 -5.83 11.13
C TYR A 335 -17.56 -5.10 9.98
N LEU A 336 -17.71 -3.77 9.94
CA LEU A 336 -16.93 -2.94 9.02
C LEU A 336 -15.45 -3.31 9.10
N ASP A 337 -14.90 -3.24 10.32
CA ASP A 337 -13.50 -3.59 10.54
C ASP A 337 -13.17 -5.03 10.13
N MET A 338 -14.10 -5.95 10.41
CA MET A 338 -13.93 -7.36 10.00
C MET A 338 -13.80 -7.51 8.47
N VAL A 339 -14.60 -6.75 7.72
CA VAL A 339 -14.66 -6.82 6.25
C VAL A 339 -13.38 -6.22 5.63
N VAL A 340 -12.95 -5.07 6.14
CA VAL A 340 -11.72 -4.44 5.69
C VAL A 340 -10.55 -5.41 5.91
N ASN A 341 -10.49 -6.00 7.11
CA ASN A 341 -9.40 -6.93 7.43
C ASN A 341 -9.40 -8.20 6.56
N GLU A 342 -10.55 -8.87 6.44
CA GLU A 342 -10.62 -10.04 5.58
C GLU A 342 -10.19 -9.76 4.13
N THR A 343 -10.58 -8.60 3.59
CA THR A 343 -10.18 -8.23 2.24
C THR A 343 -8.66 -8.10 2.18
N LEU A 344 -8.07 -7.31 3.10
CA LEU A 344 -6.59 -7.20 3.16
C LEU A 344 -5.90 -8.55 3.28
N ARG A 345 -6.51 -9.51 3.99
CA ARG A 345 -5.97 -10.88 4.05
C ARG A 345 -5.82 -11.48 2.63
N LEU A 346 -6.92 -11.50 1.87
CA LEU A 346 -6.93 -11.98 0.48
C LEU A 346 -6.04 -11.15 -0.50
N PHE A 347 -6.04 -9.82 -0.33
CA PHE A 347 -5.33 -8.94 -1.27
C PHE A 347 -4.40 -7.95 -0.54
N PRO A 348 -3.39 -8.45 0.18
CA PRO A 348 -2.45 -7.52 0.80
C PRO A 348 -1.60 -7.01 -0.36
N ILE A 349 -1.86 -5.78 -0.80
CA ILE A 349 -1.19 -5.15 -1.94
C ILE A 349 0.35 -5.08 -1.96
N ALA A 350 1.01 -5.15 -0.80
CA ALA A 350 2.48 -5.17 -0.77
C ALA A 350 3.07 -6.50 -1.30
N MET A 351 2.25 -7.54 -1.31
CA MET A 351 2.67 -8.93 -1.54
C MET A 351 3.81 -9.47 -0.71
N ARG A 352 4.87 -8.68 -0.56
CA ARG A 352 6.09 -9.10 0.10
C ARG A 352 6.56 -7.96 0.98
N LEU A 353 7.28 -8.31 2.04
CA LEU A 353 8.02 -7.32 2.84
C LEU A 353 9.49 -7.66 2.80
N GLU A 354 10.35 -6.66 2.95
CA GLU A 354 11.80 -6.84 2.74
C GLU A 354 12.71 -6.01 3.65
N ARG A 355 13.76 -6.64 4.15
CA ARG A 355 14.85 -5.90 4.83
C ARG A 355 16.22 -6.44 4.36
N VAL A 356 17.23 -5.56 4.26
CA VAL A 356 18.60 -5.98 3.96
C VAL A 356 19.38 -6.10 5.29
N ALA A 357 20.10 -7.20 5.47
CA ALA A 357 21.00 -7.34 6.62
C ALA A 357 22.21 -6.45 6.41
N LYS A 358 22.23 -5.31 7.12
CA LYS A 358 23.43 -4.43 7.22
C LYS A 358 24.73 -5.16 7.54
N LYS A 359 24.65 -6.19 8.38
CA LYS A 359 25.82 -6.98 8.78
C LYS A 359 25.47 -8.47 8.76
N ASP A 360 26.44 -9.32 9.12
CA ASP A 360 26.17 -10.76 9.30
C ASP A 360 25.35 -10.97 10.58
N VAL A 361 24.44 -11.94 10.55
CA VAL A 361 23.61 -12.26 11.70
C VAL A 361 23.24 -13.73 11.78
N GLU A 362 22.87 -14.15 12.97
CA GLU A 362 22.38 -15.49 13.17
C GLU A 362 21.02 -15.39 13.85
N ILE A 363 19.97 -15.32 13.05
CA ILE A 363 18.62 -15.32 13.57
C ILE A 363 18.22 -16.77 13.90
N ASN A 364 17.61 -16.92 15.07
CA ASN A 364 17.18 -18.21 15.62
C ASN A 364 17.58 -19.52 14.92
N GLY A 365 18.89 -19.72 14.73
CA GLY A 365 19.38 -20.98 14.21
C GLY A 365 20.19 -20.88 12.95
N MET A 366 19.82 -19.99 12.06
CA MET A 366 20.45 -19.91 10.75
C MET A 366 21.27 -18.64 10.53
N PHE A 367 22.41 -18.81 9.87
CA PHE A 367 23.32 -17.71 9.62
C PHE A 367 22.97 -16.97 8.32
N ILE A 368 22.95 -15.64 8.40
CA ILE A 368 22.60 -14.77 7.27
C ILE A 368 23.68 -13.72 7.02
N PRO A 369 24.43 -13.88 5.89
CA PRO A 369 25.54 -12.97 5.52
C PRO A 369 25.10 -11.57 5.12
N LYS A 370 25.98 -10.60 5.37
CA LYS A 370 25.76 -9.18 5.02
C LYS A 370 25.26 -9.01 3.58
N GLY A 371 24.25 -8.19 3.38
CA GLY A 371 23.77 -7.88 2.02
C GLY A 371 22.61 -8.70 1.49
N VAL A 372 22.38 -9.87 2.09
CA VAL A 372 21.24 -10.71 1.77
C VAL A 372 19.95 -9.90 2.05
N VAL A 373 19.02 -9.84 1.08
CA VAL A 373 17.67 -9.33 1.29
C VAL A 373 16.85 -10.45 1.95
N VAL A 374 16.33 -10.18 3.14
CA VAL A 374 15.43 -11.15 3.78
C VAL A 374 14.00 -10.70 3.53
N MET A 375 13.24 -11.63 2.97
CA MET A 375 11.93 -11.36 2.46
C MET A 375 10.87 -12.20 3.20
N ILE A 376 9.80 -11.53 3.64
CA ILE A 376 8.58 -12.16 4.19
C ILE A 376 7.47 -12.19 3.09
N PRO A 377 7.06 -13.39 2.64
CA PRO A 377 6.07 -13.43 1.55
C PRO A 377 4.62 -13.38 2.09
N SER A 378 4.21 -12.16 2.43
CA SER A 378 2.91 -11.88 3.08
C SER A 378 1.73 -12.55 2.35
N TYR A 379 1.65 -12.38 1.02
CA TYR A 379 0.57 -13.01 0.25
C TYR A 379 0.44 -14.53 0.49
N ALA A 380 1.52 -15.28 0.25
CA ALA A 380 1.51 -16.74 0.50
C ALA A 380 1.13 -17.07 1.95
N LEU A 381 1.71 -16.34 2.90
CA LEU A 381 1.37 -16.49 4.32
C LEU A 381 -0.12 -16.22 4.64
N HIS A 382 -0.69 -15.21 3.99
CA HIS A 382 -2.11 -14.88 4.13
C HIS A 382 -3.02 -15.99 3.59
N ARG A 383 -2.54 -16.74 2.60
CA ARG A 383 -3.32 -17.82 1.97
C ARG A 383 -2.82 -19.23 2.28
N ASP A 384 -2.04 -19.34 3.36
CA ASP A 384 -1.46 -20.61 3.83
C ASP A 384 -2.48 -21.52 4.56
N PRO A 385 -2.72 -22.74 4.01
CA PRO A 385 -3.65 -23.72 4.63
C PRO A 385 -3.32 -24.12 6.08
N LYS A 386 -2.05 -23.97 6.46
CA LYS A 386 -1.60 -24.41 7.78
C LYS A 386 -1.87 -23.35 8.85
N TYR A 387 -2.35 -22.17 8.44
CA TYR A 387 -2.79 -21.14 9.39
C TYR A 387 -4.23 -20.76 9.13
N TRP A 388 -4.74 -21.08 7.95
CA TRP A 388 -6.05 -20.61 7.54
C TRP A 388 -6.91 -21.72 6.97
N THR A 389 -8.05 -21.95 7.63
CA THR A 389 -9.10 -22.83 7.11
C THR A 389 -9.69 -22.20 5.87
N GLU A 390 -9.87 -23.02 4.83
CA GLU A 390 -10.41 -22.58 3.55
C GLU A 390 -9.93 -21.16 3.26
N PRO A 391 -8.61 -21.00 3.01
CA PRO A 391 -8.00 -19.68 2.95
C PRO A 391 -8.30 -18.95 1.63
N GLU A 392 -8.81 -19.67 0.65
CA GLU A 392 -9.33 -19.04 -0.56
C GLU A 392 -10.71 -18.41 -0.32
N LYS A 393 -11.38 -18.80 0.77
CA LYS A 393 -12.73 -18.30 1.05
C LYS A 393 -12.73 -16.95 1.76
N PHE A 394 -13.61 -16.06 1.29
CA PHE A 394 -13.89 -14.76 1.92
C PHE A 394 -14.83 -14.92 3.12
N LEU A 395 -14.26 -15.03 4.33
CA LEU A 395 -15.01 -15.27 5.55
C LEU A 395 -14.72 -14.25 6.65
N PRO A 396 -15.36 -13.06 6.59
CA PRO A 396 -15.11 -12.02 7.61
C PRO A 396 -15.00 -12.54 9.05
N GLU A 397 -15.80 -13.55 9.41
CA GLU A 397 -15.87 -14.07 10.81
C GLU A 397 -14.51 -14.42 11.43
N ARG A 398 -13.55 -14.78 10.56
CA ARG A 398 -12.15 -14.96 10.94
C ARG A 398 -11.71 -13.88 11.90
N PHE A 399 -12.21 -12.65 11.67
CA PHE A 399 -11.74 -11.47 12.39
C PHE A 399 -12.66 -11.02 13.53
N SER A 400 -13.69 -11.80 13.84
CA SER A 400 -14.59 -11.43 14.94
C SER A 400 -13.89 -11.61 16.28
N LYS A 401 -14.27 -10.81 17.28
CA LYS A 401 -13.70 -10.83 18.63
C LYS A 401 -13.29 -12.21 19.17
N LYS A 402 -14.10 -13.22 18.87
CA LYS A 402 -13.85 -14.59 19.30
C LYS A 402 -12.72 -15.29 18.54
N ASN A 403 -12.68 -15.08 17.22
CA ASN A 403 -11.70 -15.74 16.35
C ASN A 403 -10.38 -15.00 16.26
N LYS A 404 -10.44 -13.68 16.38
CA LYS A 404 -9.29 -12.82 16.11
C LYS A 404 -8.22 -12.87 17.21
N ASP A 405 -8.23 -13.94 17.99
CA ASP A 405 -7.18 -14.21 18.96
C ASP A 405 -6.27 -15.28 18.39
N ASN A 406 -6.82 -16.07 17.48
CA ASN A 406 -6.11 -17.13 16.75
C ASN A 406 -5.35 -16.59 15.52
N ILE A 407 -5.11 -15.28 15.49
CA ILE A 407 -4.42 -14.64 14.39
C ILE A 407 -3.05 -14.13 14.82
N ASP A 408 -2.01 -14.73 14.23
CA ASP A 408 -0.65 -14.30 14.45
C ASP A 408 -0.39 -12.97 13.71
N PRO A 409 0.09 -11.93 14.43
CA PRO A 409 0.44 -10.64 13.81
C PRO A 409 1.73 -10.65 12.95
N TYR A 410 2.32 -11.83 12.74
CA TYR A 410 3.50 -11.97 11.87
C TYR A 410 3.24 -12.98 10.75
N ILE A 411 2.05 -13.59 10.78
CA ILE A 411 1.49 -14.31 9.65
C ILE A 411 0.64 -13.28 8.87
N TYR A 412 -0.23 -12.59 9.61
CA TYR A 412 -1.08 -11.53 9.09
C TYR A 412 -0.42 -10.13 9.14
N THR A 413 0.13 -9.67 8.03
CA THR A 413 0.89 -8.41 8.04
C THR A 413 0.57 -7.38 6.93
N PRO A 414 -0.72 -7.05 6.72
CA PRO A 414 -1.06 -6.12 5.61
C PRO A 414 -0.37 -4.75 5.64
N PHE A 415 0.06 -4.30 6.82
CA PHE A 415 0.73 -3.00 7.00
C PHE A 415 2.17 -3.16 7.48
N GLY A 416 2.75 -4.30 7.16
CA GLY A 416 4.06 -4.68 7.68
C GLY A 416 4.03 -4.67 9.19
N SER A 417 5.20 -4.50 9.80
CA SER A 417 5.34 -4.52 11.26
C SER A 417 6.67 -3.99 11.73
N GLY A 418 6.72 -3.65 13.02
CA GLY A 418 7.92 -3.10 13.60
C GLY A 418 8.05 -1.61 13.32
N PRO A 419 9.22 -1.05 13.66
CA PRO A 419 9.48 0.41 13.56
C PRO A 419 9.38 0.95 12.14
N ARG A 420 9.43 0.08 11.14
CA ARG A 420 9.37 0.55 9.76
C ARG A 420 8.07 0.09 9.04
N ASN A 421 6.98 -0.02 9.80
CA ASN A 421 5.72 -0.51 9.27
C ASN A 421 4.99 0.62 8.50
N CYS A 422 3.77 0.40 8.02
CA CYS A 422 3.08 1.52 7.36
C CYS A 422 2.84 2.70 8.33
N ILE A 423 3.49 3.84 8.05
CA ILE A 423 3.28 5.09 8.84
C ILE A 423 1.87 5.65 8.68
N GLY A 424 1.27 5.40 7.52
CA GLY A 424 -0.06 5.88 7.18
C GLY A 424 -1.17 4.85 7.43
N MET A 425 -0.85 3.78 8.17
CA MET A 425 -1.84 2.76 8.51
C MET A 425 -3.17 3.32 9.05
N ARG A 426 -3.10 4.09 10.13
CA ARG A 426 -4.31 4.63 10.78
C ARG A 426 -5.08 5.54 9.83
N PHE A 427 -4.35 6.38 9.12
CA PHE A 427 -4.96 7.29 8.18
C PHE A 427 -5.69 6.52 7.06
N ALA A 428 -5.03 5.48 6.54
CA ALA A 428 -5.58 4.67 5.45
C ALA A 428 -6.86 3.90 5.87
N LEU A 429 -6.81 3.24 7.01
CA LEU A 429 -7.99 2.55 7.57
C LEU A 429 -9.18 3.49 7.71
N MET A 430 -8.95 4.61 8.40
CA MET A 430 -9.94 5.66 8.59
C MET A 430 -10.55 6.16 7.29
N ASN A 431 -9.69 6.35 6.28
CA ASN A 431 -10.09 6.94 5.02
C ASN A 431 -11.01 6.01 4.26
N MET A 432 -10.65 4.73 4.28
CA MET A 432 -11.38 3.72 3.55
C MET A 432 -12.71 3.48 4.23
N LYS A 433 -12.71 3.44 5.55
CA LYS A 433 -13.92 3.21 6.32
C LYS A 433 -14.94 4.33 6.07
N LEU A 434 -14.51 5.59 6.16
CA LEU A 434 -15.39 6.71 5.85
C LEU A 434 -15.96 6.63 4.43
N ALA A 435 -15.12 6.30 3.45
CA ALA A 435 -15.58 6.11 2.09
C ALA A 435 -16.66 5.02 2.06
N LEU A 436 -16.38 3.89 2.71
CA LEU A 436 -17.29 2.75 2.70
C LEU A 436 -18.63 3.07 3.37
N ILE A 437 -18.60 3.85 4.45
CA ILE A 437 -19.83 4.20 5.17
C ILE A 437 -20.78 5.05 4.33
N ARG A 438 -20.32 6.20 3.86
CA ARG A 438 -21.15 7.06 3.00
C ARG A 438 -21.73 6.29 1.80
N VAL A 439 -20.88 5.53 1.11
CA VAL A 439 -21.27 4.77 -0.07
C VAL A 439 -22.35 3.73 0.22
N LEU A 440 -22.19 3.02 1.33
CA LEU A 440 -23.10 1.93 1.68
C LEU A 440 -24.40 2.43 2.31
N GLN A 441 -24.35 3.66 2.83
CA GLN A 441 -25.52 4.35 3.34
C GLN A 441 -26.50 4.70 2.24
N ASN A 442 -25.98 4.89 1.02
CA ASN A 442 -26.79 5.36 -0.10
C ASN A 442 -27.00 4.32 -1.20
N PHE A 443 -26.14 3.30 -1.25
CA PHE A 443 -26.15 2.39 -2.40
C PHE A 443 -25.94 0.93 -2.06
N SER A 444 -26.42 0.08 -2.96
CA SER A 444 -26.09 -1.33 -2.97
C SER A 444 -25.32 -1.61 -4.24
N PHE A 445 -24.54 -2.70 -4.23
CA PHE A 445 -23.63 -3.03 -5.34
C PHE A 445 -23.80 -4.46 -5.80
N LYS A 446 -23.97 -4.62 -7.11
CA LYS A 446 -24.36 -5.90 -7.69
C LYS A 446 -23.49 -6.24 -8.88
N PRO A 447 -23.24 -7.55 -9.11
CA PRO A 447 -22.44 -8.01 -10.25
C PRO A 447 -23.08 -7.76 -11.63
N SER A 448 -22.31 -7.14 -12.53
CA SER A 448 -22.70 -7.05 -13.94
C SER A 448 -22.40 -8.35 -14.68
N LYS A 449 -22.66 -8.37 -15.98
CA LYS A 449 -22.38 -9.55 -16.80
C LYS A 449 -20.91 -9.58 -17.22
N GLU A 450 -20.28 -8.39 -17.19
CA GLU A 450 -18.86 -8.24 -17.53
C GLU A 450 -17.98 -8.50 -16.30
N THR A 451 -18.62 -8.52 -15.12
CA THR A 451 -17.94 -8.84 -13.87
C THR A 451 -17.38 -10.26 -13.95
N GLN A 452 -16.07 -10.39 -13.77
CA GLN A 452 -15.40 -11.69 -13.83
C GLN A 452 -15.48 -12.40 -12.48
N ILE A 453 -15.89 -13.66 -12.50
CA ILE A 453 -16.06 -14.45 -11.28
C ILE A 453 -15.53 -15.88 -11.48
N PRO A 454 -14.53 -16.29 -10.67
CA PRO A 454 -13.86 -15.47 -9.66
C PRO A 454 -12.97 -14.38 -10.25
N LEU A 455 -12.52 -13.47 -9.40
CA LEU A 455 -11.62 -12.41 -9.82
C LEU A 455 -10.25 -12.99 -10.14
N LYS A 456 -9.63 -12.43 -11.18
CA LYS A 456 -8.29 -12.84 -11.56
C LYS A 456 -7.31 -11.70 -11.37
N LEU A 457 -6.20 -12.03 -10.72
CA LEU A 457 -5.13 -11.07 -10.46
C LEU A 457 -4.22 -10.89 -11.66
N SER A 458 -3.75 -9.66 -11.84
CA SER A 458 -2.72 -9.34 -12.82
C SER A 458 -1.52 -10.26 -12.61
N LEU A 459 -1.13 -11.00 -13.65
CA LEU A 459 0.12 -11.79 -13.67
C LEU A 459 1.35 -10.90 -13.68
N GLY A 460 1.15 -9.60 -13.49
CA GLY A 460 2.25 -8.63 -13.45
C GLY A 460 2.86 -8.55 -12.07
N GLY A 461 3.73 -7.56 -11.87
CA GLY A 461 4.38 -7.36 -10.59
C GLY A 461 3.55 -6.60 -9.57
N LEU A 462 2.29 -6.34 -9.93
CA LEU A 462 1.38 -5.60 -9.04
C LEU A 462 0.15 -6.43 -8.66
N LEU A 463 -0.23 -6.35 -7.39
CA LEU A 463 -1.45 -7.05 -6.93
C LEU A 463 -2.69 -6.22 -7.27
N GLN A 464 -3.20 -6.46 -8.46
CA GLN A 464 -4.40 -5.80 -8.95
C GLN A 464 -5.17 -6.82 -9.78
N PRO A 465 -6.46 -6.52 -10.03
CA PRO A 465 -7.22 -7.49 -10.81
C PRO A 465 -6.86 -7.40 -12.29
N GLU A 466 -6.88 -8.54 -12.97
CA GLU A 466 -6.44 -8.65 -14.36
C GLU A 466 -7.33 -7.83 -15.30
N LYS A 467 -8.61 -7.75 -14.96
CA LYS A 467 -9.54 -6.82 -15.59
C LYS A 467 -10.11 -5.89 -14.51
N PRO A 468 -10.36 -4.61 -14.86
CA PRO A 468 -10.81 -3.63 -13.86
C PRO A 468 -12.18 -3.99 -13.33
N VAL A 469 -12.43 -3.73 -12.05
CA VAL A 469 -13.68 -4.15 -11.41
C VAL A 469 -14.83 -3.27 -11.88
N VAL A 470 -15.79 -3.92 -12.52
CA VAL A 470 -17.01 -3.26 -12.97
C VAL A 470 -18.25 -3.77 -12.22
N LEU A 471 -18.93 -2.87 -11.51
CA LEU A 471 -20.09 -3.22 -10.67
C LEU A 471 -21.30 -2.33 -10.88
N LYS A 472 -22.48 -2.94 -10.81
CA LYS A 472 -23.76 -2.25 -10.89
C LYS A 472 -24.15 -1.59 -9.56
N VAL A 473 -24.47 -0.30 -9.63
CA VAL A 473 -24.78 0.56 -8.48
C VAL A 473 -26.27 0.91 -8.45
N GLU A 474 -26.91 0.77 -7.29
CA GLU A 474 -28.35 1.06 -7.14
C GLU A 474 -28.63 1.85 -5.88
N SER A 475 -29.46 2.88 -5.99
CA SER A 475 -29.78 3.72 -4.84
C SER A 475 -30.71 2.99 -3.86
N ARG A 476 -30.80 3.51 -2.64
CA ARG A 476 -31.59 2.89 -1.58
C ARG A 476 -32.76 3.82 -1.22
N ASP A 477 -33.31 4.46 -2.25
CA ASP A 477 -34.34 5.51 -2.16
C ASP A 477 -33.77 6.86 -2.58
CHA HEM B . 4.90 1.33 4.32
CHB HEM B . 0.76 -0.94 3.35
CHC HEM B . -1.48 3.36 2.76
CHD HEM B . 2.74 5.62 3.61
C1A HEM B . 3.98 0.33 4.11
C2A HEM B . 4.23 -1.06 4.10
C3A HEM B . 3.05 -1.68 3.83
C4A HEM B . 2.08 -0.68 3.67
CMA HEM B . 2.82 -3.17 3.75
CAA HEM B . 5.54 -1.77 4.35
CBA HEM B . 6.01 -1.56 5.78
CGA HEM B . 7.07 -2.56 6.08
O1A HEM B . 6.88 -3.34 7.02
O2A HEM B . 8.13 -2.63 5.42
C1B HEM B . -0.22 0.05 3.09
C2B HEM B . -1.55 -0.29 2.73
C3B HEM B . -2.23 0.90 2.55
C4B HEM B . -1.23 1.98 2.80
CMB HEM B . -2.03 -1.73 2.61
CAB HEM B . -3.65 1.12 2.16
CBB HEM B . -4.57 0.16 2.15
C1C HEM B . -0.52 4.38 3.01
C2C HEM B . -0.80 5.77 3.05
C3C HEM B . 0.42 6.41 3.29
C4C HEM B . 1.41 5.39 3.40
CMC HEM B . -2.15 6.43 2.87
CAC HEM B . 0.73 7.87 3.43
CBC HEM B . -0.11 8.76 3.91
C1D HEM B . 3.63 4.58 3.85
C2D HEM B . 5.04 4.88 4.12
C3D HEM B . 5.63 3.70 4.32
C4D HEM B . 4.57 2.69 4.18
CMD HEM B . 5.68 6.25 4.15
CAD HEM B . 7.10 3.47 4.63
CBD HEM B . 7.43 3.74 6.09
CGD HEM B . 8.93 3.73 6.32
O1D HEM B . 9.46 4.45 7.19
O2D HEM B . 9.67 2.96 5.66
NA HEM B . 2.68 0.55 3.81
NB HEM B . -0.08 1.39 3.14
NC HEM B . 0.83 4.18 3.24
ND HEM B . 3.37 3.27 3.92
FE HEM B . 1.73 2.31 3.60
O5 08Y C . 7.24 -2.33 -3.94
C15 08Y C . 7.83 -2.86 -3.02
C16 08Y C . 8.84 -4.00 -3.15
C18 08Y C . 8.14 -5.15 -3.85
N4 08Y C . 9.14 -6.13 -4.31
C27 08Y C . 8.71 -7.51 -4.20
C22 08Y C . 10.09 -3.52 -3.86
C21 08Y C . 10.70 -4.34 -4.96
C24 08Y C . 11.97 -3.93 -5.71
C30 08Y C . 12.65 -2.71 -5.58
C32 08Y C . 13.77 -2.47 -6.36
C31 08Y C . 14.26 -3.37 -7.27
C28 08Y C . 13.62 -4.60 -7.45
C26 08Y C . 12.47 -4.84 -6.66
C25 08Y C . 11.92 -6.11 -6.93
C23 08Y C . 10.68 -6.65 -6.22
C17 08Y C . 9.93 -5.57 -5.42
C29 08Y C . 12.80 -6.60 -7.92
N5 08Y C . 13.82 -5.72 -8.24
BR 08Y C . 12.58 -8.40 -8.76
N3 08Y C . 7.71 -2.53 -1.73
C5 08Y C . 6.91 -1.51 -0.92
O1 08Y C . 5.71 -1.05 -1.55
C11 08Y C . 6.67 -2.16 0.45
C14 08Y C . 7.37 -3.48 0.75
C13 08Y C . 5.20 -2.34 0.81
C8 08Y C . 7.63 -0.18 -0.70
O3 08Y C . 8.77 -0.12 -0.26
N1 08Y C . 6.86 0.84 -1.07
C3 08Y C . 7.22 2.24 -0.94
C10 08Y C . 7.54 2.75 -2.33
C12 08Y C . 8.94 2.42 -2.84
C20 08Y C . 9.64 3.68 -3.31
C19 08Y C . 8.89 1.37 -3.93
C9 08Y C . 5.99 2.98 -0.42
O4 08Y C . 6.10 4.16 -0.09
N2 08Y C . 4.73 2.22 -0.22
C6 08Y C . 3.66 2.59 0.70
C7 08Y C . 2.48 1.73 0.26
C4 08Y C . 3.09 0.75 -0.73
C1 08Y C . 4.58 0.91 -0.47
C2 08Y C . 5.55 0.38 -1.54
O2 08Y C . 5.23 0.92 -2.82
C1 GOL D . -7.53 -18.69 11.77
O1 GOL D . -7.33 -20.10 11.64
C2 GOL D . -8.69 -18.16 10.89
O2 GOL D . -9.92 -18.29 11.61
C3 GOL D . -8.83 -18.87 9.54
O3 GOL D . -9.25 -20.23 9.70
C1 GOL E . 20.78 -25.59 -4.89
O1 GOL E . 20.18 -25.31 -6.17
C2 GOL E . 20.81 -24.28 -4.10
O2 GOL E . 19.50 -23.94 -3.59
C3 GOL E . 21.19 -23.12 -5.00
O3 GOL E . 20.42 -22.02 -4.52
C1 GOL F . -4.24 -23.32 12.38
O1 GOL F . -3.48 -22.50 13.29
C2 GOL F . -5.57 -22.67 12.04
O2 GOL F . -6.09 -22.00 13.21
C3 GOL F . -6.60 -23.69 11.57
O3 GOL F . -6.03 -24.61 10.62
C1 GOL G . 0.97 -10.20 -8.51
O1 GOL G . 2.37 -10.52 -8.50
C2 GOL G . 0.15 -11.21 -9.30
O2 GOL G . -1.11 -11.32 -8.64
C3 GOL G . 0.77 -12.61 -9.47
O3 GOL G . 1.82 -12.82 -8.54
#